data_6D4K
#
_entry.id   6D4K
#
_cell.length_a   44.122
_cell.length_b   46.407
_cell.length_c   112.575
_cell.angle_alpha   90.000
_cell.angle_beta   90.000
_cell.angle_gamma   90.000
#
_symmetry.space_group_name_H-M   'P 21 21 21'
#
loop_
_entity.id
_entity.type
_entity.pdbx_description
1 polymer 'Probable L,D-transpeptidase 3'
2 non-polymer 'CALCIUM ION'
3 water water
#
_entity_poly.entity_id   1
_entity_poly.type   'polypeptide(L)'
_entity_poly.pdbx_seq_one_letter_code
;MGSSHHHHHHSSGLVPRGSHMQSYGFAVASVLPTRGQVVGVAHPVVVTFSAPITNPANRHAAERAVEVKSTPAMTGKFEW
LDNDVVQWVPDRFWPAHSTVELSVGSLSSDFKTGPAVVGVASISQHTFTVSIDGVEEGPPPPLPAPHHRVHFGEDGVMPA
SMGRPEYPTPVGSYTVLSKERSVIMDSSSVGIPVDDPDGYRLSVDYAVRITSRGLYVHSAPWALPALGLENVSHGCISLS
REDAEWYYNAVDIGDPVIVQE
;
_entity_poly.pdbx_strand_id   A
#
loop_
_chem_comp.id
_chem_comp.type
_chem_comp.name
_chem_comp.formula
CA non-polymer 'CALCIUM ION' 'Ca 2'
#
# COMPACT_ATOMS: atom_id res chain seq x y z
N TYR A 24 -1.69 5.07 34.29
CA TYR A 24 -2.31 4.45 33.11
C TYR A 24 -2.24 5.35 31.88
N GLY A 25 -1.19 6.17 31.81
CA GLY A 25 -1.00 7.04 30.67
C GLY A 25 -0.71 6.29 29.38
N PHE A 26 -0.13 5.10 29.49
CA PHE A 26 0.15 4.28 28.31
C PHE A 26 -0.88 3.18 28.11
N ALA A 27 -2.07 3.32 28.68
CA ALA A 27 -3.13 2.34 28.50
C ALA A 27 -3.47 2.18 27.03
N VAL A 28 -3.48 0.94 26.56
CA VAL A 28 -3.74 0.61 25.16
C VAL A 28 -5.23 0.32 24.97
N ALA A 29 -5.87 1.08 24.10
CA ALA A 29 -7.28 0.83 23.81
C ALA A 29 -7.44 -0.38 22.90
N SER A 30 -6.61 -0.46 21.86
CA SER A 30 -6.81 -1.48 20.84
C SER A 30 -5.55 -1.62 20.00
N VAL A 31 -5.49 -2.74 19.27
CA VAL A 31 -4.37 -3.09 18.43
C VAL A 31 -4.90 -3.61 17.11
N LEU A 32 -4.23 -3.23 16.01
CA LEU A 32 -4.45 -3.87 14.71
C LEU A 32 -3.16 -4.62 14.37
N PRO A 33 -3.26 -5.77 13.69
CA PRO A 33 -4.46 -6.50 13.27
C PRO A 33 -5.35 -6.95 14.44
N THR A 34 -6.67 -7.01 14.22
CA THR A 34 -7.57 -7.57 15.21
C THR A 34 -7.33 -9.07 15.35
N ARG A 35 -7.85 -9.66 16.43
CA ARG A 35 -7.64 -11.08 16.66
C ARG A 35 -8.26 -11.89 15.53
N GLY A 36 -7.44 -12.69 14.87
CA GLY A 36 -7.89 -13.55 13.80
C GLY A 36 -8.06 -12.87 12.45
N GLN A 37 -7.72 -11.58 12.34
CA GLN A 37 -7.83 -10.88 11.08
C GLN A 37 -6.89 -11.48 10.05
N VAL A 38 -7.34 -11.50 8.78
CA VAL A 38 -6.52 -11.94 7.66
C VAL A 38 -5.95 -10.70 6.98
N VAL A 39 -4.62 -10.60 6.92
CA VAL A 39 -3.94 -9.41 6.44
C VAL A 39 -2.84 -9.76 5.45
N GLY A 40 -2.44 -8.75 4.65
CA GLY A 40 -1.29 -8.87 3.77
C GLY A 40 0.02 -8.93 4.54
N VAL A 41 1.08 -9.29 3.81
CA VAL A 41 2.31 -9.78 4.45
C VAL A 41 3.23 -8.69 4.96
N ALA A 42 2.87 -7.40 4.80
CA ALA A 42 3.63 -6.33 5.42
C ALA A 42 2.77 -5.52 6.38
N HIS A 43 1.68 -6.09 6.89
CA HIS A 43 0.76 -5.29 7.70
C HIS A 43 1.47 -4.83 8.98
N PRO A 44 1.42 -3.54 9.31
CA PRO A 44 2.03 -3.08 10.56
C PRO A 44 1.20 -3.48 11.78
N VAL A 45 1.82 -3.35 12.93
CA VAL A 45 1.12 -3.50 14.20
C VAL A 45 0.78 -2.09 14.69
N VAL A 46 -0.50 -1.78 14.77
CA VAL A 46 -0.96 -0.42 15.04
C VAL A 46 -1.56 -0.38 16.44
N VAL A 47 -0.98 0.44 17.31
CA VAL A 47 -1.34 0.48 18.71
C VAL A 47 -2.05 1.83 18.98
N THR A 48 -3.30 1.77 19.42
CA THR A 48 -4.08 2.97 19.72
C THR A 48 -4.19 3.11 21.22
N PHE A 49 -3.79 4.27 21.73
CA PHE A 49 -3.80 4.54 23.15
C PHE A 49 -5.12 5.15 23.60
N SER A 50 -5.44 4.89 24.87
N SER A 50 -5.47 4.91 24.86
CA SER A 50 -6.66 5.40 25.52
CA SER A 50 -6.73 5.45 25.38
C SER A 50 -6.69 6.93 25.51
C SER A 50 -6.71 6.97 25.47
N ALA A 51 -5.53 7.57 25.63
CA ALA A 51 -5.43 9.02 25.67
C ALA A 51 -4.15 9.47 24.95
N PRO A 52 -4.15 10.68 24.40
CA PRO A 52 -2.95 11.18 23.71
C PRO A 52 -1.73 11.21 24.61
N ILE A 53 -0.59 10.91 24.00
CA ILE A 53 0.70 11.09 24.64
C ILE A 53 1.33 12.29 23.95
N THR A 54 1.13 13.47 24.52
CA THR A 54 1.53 14.69 23.83
C THR A 54 2.98 15.04 24.06
N ASN A 55 3.63 14.46 25.07
CA ASN A 55 5.01 14.77 25.36
C ASN A 55 5.88 13.82 24.54
N PRO A 56 6.58 14.30 23.51
CA PRO A 56 7.43 13.39 22.71
C PRO A 56 8.48 12.68 23.54
N ALA A 57 8.90 13.26 24.65
CA ALA A 57 9.92 12.59 25.45
C ALA A 57 9.36 11.36 26.14
N ASN A 58 8.04 11.33 26.40
CA ASN A 58 7.44 10.13 26.99
C ASN A 58 7.20 9.02 25.98
N ARG A 59 7.40 9.29 24.69
CA ARG A 59 7.09 8.27 23.69
C ARG A 59 8.03 7.08 23.77
N HIS A 60 9.26 7.28 24.22
CA HIS A 60 10.15 6.14 24.35
C HIS A 60 9.69 5.18 25.44
N ALA A 61 9.23 5.72 26.57
CA ALA A 61 8.67 4.86 27.59
C ALA A 61 7.39 4.18 27.10
N ALA A 62 6.56 4.91 26.33
CA ALA A 62 5.36 4.29 25.77
C ALA A 62 5.73 3.14 24.82
N GLU A 63 6.75 3.34 23.98
CA GLU A 63 7.18 2.29 23.06
C GLU A 63 7.63 1.04 23.80
N ARG A 64 8.30 1.22 24.94
CA ARG A 64 8.71 0.06 25.72
C ARG A 64 7.51 -0.63 26.35
N ALA A 65 6.50 0.15 26.76
CA ALA A 65 5.32 -0.44 27.36
C ALA A 65 4.53 -1.26 26.35
N VAL A 66 4.64 -0.94 25.06
CA VAL A 66 3.87 -1.64 24.03
C VAL A 66 4.81 -2.47 23.15
N GLU A 67 5.93 -2.90 23.73
CA GLU A 67 6.91 -3.74 23.06
C GLU A 67 6.24 -4.84 22.24
N VAL A 68 6.57 -4.92 20.96
CA VAL A 68 5.94 -5.89 20.07
C VAL A 68 6.78 -7.17 20.04
N LYS A 69 6.17 -8.29 20.42
CA LYS A 69 6.84 -9.59 20.41
C LYS A 69 5.99 -10.54 19.57
N SER A 70 6.50 -10.90 18.41
CA SER A 70 5.79 -11.76 17.48
C SER A 70 6.44 -13.15 17.43
N THR A 71 5.64 -14.13 17.02
CA THR A 71 6.13 -15.46 16.71
C THR A 71 5.61 -15.75 15.31
N PRO A 72 6.51 -15.88 14.32
CA PRO A 72 7.98 -15.86 14.41
C PRO A 72 8.52 -14.49 14.81
N ALA A 73 9.73 -14.47 15.37
CA ALA A 73 10.35 -13.22 15.78
C ALA A 73 10.53 -12.31 14.57
N MET A 74 10.39 -11.01 14.80
CA MET A 74 10.45 -10.00 13.75
C MET A 74 10.99 -8.73 14.39
N THR A 75 11.95 -8.08 13.74
CA THR A 75 12.37 -6.74 14.12
C THR A 75 11.52 -5.69 13.38
N GLY A 76 11.41 -4.51 13.98
CA GLY A 76 10.63 -3.44 13.39
C GLY A 76 10.94 -2.09 14.00
N LYS A 77 10.21 -1.08 13.53
CA LYS A 77 10.46 0.29 13.96
C LYS A 77 9.14 0.98 14.25
N PHE A 78 9.11 1.78 15.32
CA PHE A 78 7.92 2.53 15.68
C PHE A 78 7.84 3.85 14.93
N GLU A 79 6.65 4.18 14.45
CA GLU A 79 6.35 5.47 13.85
C GLU A 79 5.07 6.00 14.46
N TRP A 80 5.10 7.22 14.97
CA TRP A 80 3.92 7.82 15.58
C TRP A 80 3.04 8.45 14.50
N LEU A 81 1.80 7.96 14.40
CA LEU A 81 0.85 8.50 13.42
C LEU A 81 0.02 9.64 13.99
N ASP A 82 -0.19 9.66 15.30
CA ASP A 82 -0.91 10.70 16.01
C ASP A 82 -0.42 10.63 17.45
N ASN A 83 -0.87 11.58 18.28
CA ASN A 83 -0.48 11.56 19.69
C ASN A 83 -0.94 10.31 20.40
N ASP A 84 -1.95 9.62 19.85
CA ASP A 84 -2.49 8.43 20.48
C ASP A 84 -2.40 7.19 19.61
N VAL A 85 -1.61 7.22 18.53
CA VAL A 85 -1.46 6.06 17.66
C VAL A 85 -0.01 5.90 17.30
N VAL A 86 0.58 4.76 17.64
CA VAL A 86 1.91 4.41 17.18
C VAL A 86 1.82 3.11 16.38
N GLN A 87 2.48 3.06 15.25
CA GLN A 87 2.52 1.83 14.47
C GLN A 87 3.92 1.25 14.48
N TRP A 88 3.99 -0.07 14.48
CA TRP A 88 5.26 -0.78 14.47
C TRP A 88 5.36 -1.42 13.10
N VAL A 89 6.34 -0.98 12.32
CA VAL A 89 6.51 -1.39 10.94
C VAL A 89 7.52 -2.53 10.90
N PRO A 90 7.15 -3.74 10.50
CA PRO A 90 8.12 -4.83 10.45
C PRO A 90 9.21 -4.56 9.43
N ASP A 91 10.43 -4.96 9.77
CA ASP A 91 11.55 -4.75 8.85
C ASP A 91 11.52 -5.72 7.67
N ARG A 92 10.79 -6.82 7.80
CA ARG A 92 10.70 -7.86 6.78
C ARG A 92 9.23 -8.20 6.61
N PHE A 93 8.90 -8.97 5.59
CA PHE A 93 7.53 -9.44 5.41
C PHE A 93 7.24 -10.59 6.37
N TRP A 94 6.02 -10.60 6.90
CA TRP A 94 5.54 -11.78 7.62
C TRP A 94 5.52 -12.96 6.67
N PRO A 95 5.63 -14.19 7.19
CA PRO A 95 5.41 -15.36 6.33
C PRO A 95 3.96 -15.38 5.86
N ALA A 96 3.76 -15.76 4.62
CA ALA A 96 2.44 -15.88 4.02
C ALA A 96 1.72 -17.12 4.55
N HIS A 97 0.40 -17.13 4.42
CA HIS A 97 -0.42 -18.31 4.73
C HIS A 97 -0.17 -18.84 6.13
N SER A 98 0.04 -17.92 7.08
CA SER A 98 0.47 -18.32 8.41
C SER A 98 -0.40 -17.69 9.49
N THR A 99 -0.27 -18.22 10.70
CA THR A 99 -0.79 -17.58 11.89
C THR A 99 0.38 -16.94 12.61
N VAL A 100 0.33 -15.63 12.81
CA VAL A 100 1.36 -14.88 13.53
C VAL A 100 0.84 -14.65 14.94
N GLU A 101 1.60 -15.09 15.93
CA GLU A 101 1.27 -14.78 17.31
C GLU A 101 1.84 -13.40 17.65
N LEU A 102 1.07 -12.63 18.40
CA LEU A 102 1.42 -11.25 18.66
C LEU A 102 1.21 -10.95 20.13
N SER A 103 2.24 -10.39 20.77
CA SER A 103 2.10 -9.81 22.10
C SER A 103 2.45 -8.34 22.00
N VAL A 104 1.62 -7.49 22.61
CA VAL A 104 1.86 -6.05 22.67
C VAL A 104 1.66 -5.69 24.13
N GLY A 105 2.76 -5.43 24.84
CA GLY A 105 2.68 -5.12 26.26
C GLY A 105 1.78 -6.04 27.07
N SER A 106 2.09 -7.34 27.05
CA SER A 106 1.36 -8.38 27.78
C SER A 106 0.01 -8.73 27.15
N LEU A 107 -0.52 -7.88 26.28
CA LEU A 107 -1.74 -8.23 25.55
C LEU A 107 -1.40 -9.24 24.47
N SER A 108 -1.94 -10.44 24.59
CA SER A 108 -1.67 -11.52 23.66
C SER A 108 -2.77 -11.59 22.60
N SER A 109 -2.36 -11.76 21.34
CA SER A 109 -3.27 -11.80 20.23
C SER A 109 -2.66 -12.68 19.14
N ASP A 110 -3.39 -12.82 18.05
CA ASP A 110 -2.85 -13.46 16.87
C ASP A 110 -3.61 -12.95 15.66
N PHE A 111 -3.01 -13.16 14.50
CA PHE A 111 -3.65 -12.81 13.26
C PHE A 111 -3.16 -13.78 12.20
N LYS A 112 -3.75 -13.72 11.02
CA LYS A 112 -3.42 -14.60 9.93
C LYS A 112 -2.98 -13.79 8.73
N THR A 113 -2.06 -14.35 7.96
CA THR A 113 -1.64 -13.75 6.71
C THR A 113 -2.19 -14.57 5.55
N GLY A 114 -2.59 -13.88 4.48
CA GLY A 114 -2.94 -14.54 3.24
C GLY A 114 -1.70 -14.76 2.38
N PRO A 115 -1.90 -14.81 1.07
CA PRO A 115 -0.74 -14.93 0.16
C PRO A 115 0.10 -13.65 0.18
N ALA A 116 1.37 -13.80 -0.18
CA ALA A 116 2.24 -12.64 -0.34
C ALA A 116 1.98 -12.05 -1.72
N VAL A 117 1.21 -10.98 -1.77
CA VAL A 117 0.90 -10.35 -3.05
C VAL A 117 1.73 -9.07 -3.08
N VAL A 118 2.81 -9.10 -3.86
CA VAL A 118 3.81 -8.05 -3.87
C VAL A 118 3.75 -7.34 -5.22
N GLY A 119 3.71 -6.02 -5.19
CA GLY A 119 3.76 -5.24 -6.41
C GLY A 119 4.99 -4.35 -6.45
N VAL A 120 5.73 -4.40 -7.54
CA VAL A 120 6.97 -3.62 -7.68
C VAL A 120 6.81 -2.68 -8.88
N ALA A 121 6.85 -1.38 -8.62
CA ALA A 121 6.78 -0.36 -9.66
C ALA A 121 8.19 0.07 -10.03
N SER A 122 8.50 0.07 -11.33
CA SER A 122 9.80 0.49 -11.84
C SER A 122 9.58 1.76 -12.65
N ILE A 123 10.11 2.87 -12.14
CA ILE A 123 9.93 4.17 -12.81
C ILE A 123 10.58 4.15 -14.18
N SER A 124 11.76 3.54 -14.29
CA SER A 124 12.51 3.56 -15.56
C SER A 124 11.95 2.59 -16.58
N GLN A 125 11.43 1.43 -16.12
CA GLN A 125 10.83 0.45 -17.01
C GLN A 125 9.39 0.77 -17.36
N HIS A 126 8.72 1.63 -16.58
CA HIS A 126 7.30 1.90 -16.73
C HIS A 126 6.47 0.63 -16.58
N THR A 127 6.79 -0.15 -15.54
CA THR A 127 6.15 -1.43 -15.31
C THR A 127 5.74 -1.55 -13.85
N PHE A 128 4.70 -2.35 -13.64
CA PHE A 128 4.28 -2.77 -12.31
C PHE A 128 4.24 -4.28 -12.35
N THR A 129 5.09 -4.93 -11.56
CA THR A 129 5.23 -6.38 -11.59
C THR A 129 4.57 -6.97 -10.35
N VAL A 130 3.61 -7.87 -10.56
CA VAL A 130 2.87 -8.47 -9.45
C VAL A 130 3.31 -9.92 -9.32
N SER A 131 3.59 -10.33 -8.10
CA SER A 131 3.85 -11.73 -7.80
C SER A 131 2.96 -12.18 -6.66
N ILE A 132 2.62 -13.47 -6.69
CA ILE A 132 1.80 -14.10 -5.68
C ILE A 132 2.64 -15.25 -5.12
N ASP A 133 3.03 -15.14 -3.85
CA ASP A 133 3.92 -16.11 -3.22
C ASP A 133 5.18 -16.35 -4.05
N GLY A 134 5.73 -15.27 -4.60
CA GLY A 134 6.98 -15.32 -5.33
C GLY A 134 6.85 -15.60 -6.81
N VAL A 135 5.66 -15.98 -7.28
CA VAL A 135 5.43 -16.36 -8.67
C VAL A 135 4.75 -15.19 -9.37
N GLU A 136 5.42 -14.62 -10.36
CA GLU A 136 4.84 -13.52 -11.11
C GLU A 136 3.60 -14.00 -11.87
N GLU A 137 2.51 -13.22 -11.77
CA GLU A 137 1.23 -13.61 -12.36
CA GLU A 137 1.25 -13.61 -12.39
C GLU A 137 0.41 -12.37 -12.67
N GLY A 138 -0.39 -12.45 -13.73
CA GLY A 138 -1.30 -11.39 -14.10
C GLY A 138 -2.57 -11.95 -14.71
N PRO A 139 -3.45 -11.08 -15.20
CA PRO A 139 -4.71 -11.56 -15.78
C PRO A 139 -4.48 -12.18 -17.15
N PRO A 140 -5.44 -12.98 -17.63
CA PRO A 140 -5.38 -13.42 -19.01
C PRO A 140 -5.48 -12.24 -19.96
N PRO A 141 -4.90 -12.35 -21.15
CA PRO A 141 -4.85 -11.20 -22.06
C PRO A 141 -6.15 -11.06 -22.85
N PRO A 142 -6.55 -9.83 -23.17
CA PRO A 142 -7.75 -9.63 -24.01
C PRO A 142 -7.47 -9.73 -25.49
N LEU A 143 -8.38 -10.38 -26.21
CA LEU A 143 -8.28 -10.45 -27.67
C LEU A 143 -8.41 -9.09 -28.32
N PRO A 144 -9.38 -8.25 -27.94
CA PRO A 144 -9.38 -6.86 -28.42
C PRO A 144 -9.38 -5.89 -27.26
N ALA A 145 -8.19 -5.40 -26.89
CA ALA A 145 -8.08 -4.38 -25.85
C ALA A 145 -8.48 -3.04 -26.46
N PRO A 146 -7.89 -2.70 -27.61
CA PRO A 146 -8.38 -1.54 -28.39
C PRO A 146 -7.99 -1.75 -29.84
N HIS A 147 -7.35 -0.74 -30.45
CA HIS A 147 -6.62 -1.01 -31.68
C HIS A 147 -5.46 -1.94 -31.41
N HIS A 148 -4.74 -1.70 -30.30
CA HIS A 148 -3.68 -2.54 -29.77
C HIS A 148 -3.02 -1.77 -28.63
N ARG A 149 -2.09 -2.40 -27.94
CA ARG A 149 -1.52 -1.74 -26.78
C ARG A 149 -0.27 -2.51 -26.33
N VAL A 150 0.61 -1.83 -25.60
CA VAL A 150 1.81 -2.46 -25.08
C VAL A 150 1.42 -3.59 -24.15
N HIS A 151 1.94 -4.79 -24.41
CA HIS A 151 1.88 -5.86 -23.42
C HIS A 151 3.14 -6.71 -23.55
N PHE A 152 3.63 -7.18 -22.42
CA PHE A 152 5.01 -7.64 -22.34
C PHE A 152 5.18 -9.13 -22.59
N GLY A 153 4.15 -9.93 -22.35
CA GLY A 153 4.29 -11.36 -22.52
C GLY A 153 5.08 -12.06 -21.45
N GLU A 154 5.63 -11.33 -20.48
CA GLU A 154 6.25 -11.92 -19.30
C GLU A 154 5.23 -11.89 -18.17
N ASP A 155 5.06 -13.02 -17.49
CA ASP A 155 4.02 -13.18 -16.47
C ASP A 155 4.11 -12.07 -15.43
N GLY A 156 2.96 -11.48 -15.13
CA GLY A 156 2.86 -10.52 -14.04
C GLY A 156 3.44 -9.15 -14.31
N VAL A 157 4.07 -8.93 -15.45
CA VAL A 157 4.67 -7.64 -15.76
C VAL A 157 3.61 -6.79 -16.45
N MET A 158 3.11 -5.78 -15.75
CA MET A 158 2.06 -4.90 -16.23
C MET A 158 2.66 -3.58 -16.68
N PRO A 159 2.20 -3.05 -17.80
CA PRO A 159 2.68 -1.73 -18.21
C PRO A 159 1.97 -0.64 -17.41
N ALA A 160 2.75 0.35 -17.00
CA ALA A 160 2.34 1.29 -15.98
C ALA A 160 2.87 2.66 -16.37
N SER A 161 2.38 3.67 -15.67
CA SER A 161 2.84 5.03 -15.85
C SER A 161 2.92 5.65 -14.47
N MET A 162 4.11 6.06 -14.07
CA MET A 162 4.33 6.70 -12.79
C MET A 162 4.29 8.22 -12.96
N GLY A 163 4.75 8.95 -11.95
CA GLY A 163 4.60 10.39 -11.97
C GLY A 163 5.54 11.07 -12.94
N ARG A 164 5.05 12.15 -13.54
CA ARG A 164 5.89 13.00 -14.39
C ARG A 164 6.98 13.63 -13.53
N PRO A 165 8.04 14.15 -14.16
CA PRO A 165 9.16 14.71 -13.36
C PRO A 165 8.73 15.81 -12.39
N GLU A 166 7.68 16.55 -12.71
CA GLU A 166 7.22 17.60 -11.80
C GLU A 166 6.49 17.02 -10.60
N TYR A 167 5.87 15.85 -10.75
CA TYR A 167 5.12 15.19 -9.67
C TYR A 167 5.50 13.72 -9.65
N PRO A 168 6.74 13.40 -9.27
CA PRO A 168 7.23 12.03 -9.42
C PRO A 168 6.63 11.10 -8.38
N THR A 169 6.67 9.80 -8.69
CA THR A 169 6.33 8.79 -7.71
C THR A 169 7.51 8.57 -6.78
N PRO A 170 7.38 8.80 -5.48
CA PRO A 170 8.54 8.67 -4.59
C PRO A 170 8.97 7.21 -4.42
N VAL A 171 10.29 7.01 -4.49
CA VAL A 171 10.90 5.71 -4.26
C VAL A 171 10.70 5.32 -2.80
N GLY A 172 10.45 4.04 -2.55
CA GLY A 172 10.34 3.57 -1.19
C GLY A 172 9.56 2.28 -1.08
N SER A 173 9.36 1.87 0.17
CA SER A 173 8.62 0.66 0.50
CA SER A 173 8.61 0.66 0.51
C SER A 173 7.31 1.08 1.17
N TYR A 174 6.20 0.65 0.60
CA TYR A 174 4.87 1.04 1.03
C TYR A 174 4.04 -0.20 1.35
N THR A 175 2.88 0.02 1.99
CA THR A 175 1.94 -1.07 2.18
C THR A 175 0.56 -0.59 1.77
N VAL A 176 -0.28 -1.53 1.34
CA VAL A 176 -1.64 -1.19 0.99
C VAL A 176 -2.41 -0.77 2.24
N LEU A 177 -2.90 0.47 2.25
CA LEU A 177 -3.65 1.02 3.37
C LEU A 177 -5.15 0.82 3.22
N SER A 178 -5.67 0.81 2.01
CA SER A 178 -7.09 0.65 1.77
CA SER A 178 -7.09 0.63 1.78
C SER A 178 -7.31 0.29 0.30
N LYS A 179 -8.52 -0.20 0.02
CA LYS A 179 -9.00 -0.56 -1.32
C LYS A 179 -10.39 0.04 -1.44
N GLU A 180 -10.66 0.72 -2.56
CA GLU A 180 -11.95 1.35 -2.75
C GLU A 180 -12.32 1.36 -4.23
N ARG A 181 -13.62 1.39 -4.50
CA ARG A 181 -14.16 1.48 -5.85
C ARG A 181 -14.76 2.85 -6.09
N SER A 182 -14.70 3.29 -7.36
CA SER A 182 -15.38 4.50 -7.82
C SER A 182 -15.13 5.69 -6.91
N VAL A 183 -13.88 5.85 -6.49
CA VAL A 183 -13.54 6.94 -5.58
C VAL A 183 -13.17 8.18 -6.39
N ILE A 184 -13.59 9.34 -5.89
CA ILE A 184 -13.30 10.60 -6.55
C ILE A 184 -11.89 11.04 -6.16
N MET A 185 -11.06 11.26 -7.15
CA MET A 185 -9.71 11.77 -6.93
C MET A 185 -9.63 13.18 -7.48
N ASP A 186 -9.10 14.08 -6.65
CA ASP A 186 -9.14 15.51 -6.86
C ASP A 186 -7.71 16.02 -6.95
N SER A 187 -7.49 17.04 -7.78
CA SER A 187 -6.14 17.55 -7.97
C SER A 187 -5.59 18.27 -6.75
N SER A 188 -6.43 18.57 -5.75
CA SER A 188 -5.96 19.24 -4.54
C SER A 188 -4.99 18.39 -3.73
N SER A 189 -4.87 17.09 -4.02
CA SER A 189 -3.96 16.23 -3.28
C SER A 189 -2.50 16.52 -3.59
N VAL A 190 -2.20 17.12 -4.75
CA VAL A 190 -0.84 17.45 -5.13
C VAL A 190 -0.60 18.96 -5.17
N GLY A 191 -1.54 19.75 -4.67
CA GLY A 191 -1.34 21.19 -4.56
C GLY A 191 -1.84 21.98 -5.75
N ILE A 192 -2.93 21.54 -6.37
CA ILE A 192 -3.52 22.24 -7.51
C ILE A 192 -5.03 22.32 -7.31
N PRO A 193 -5.62 23.51 -7.25
CA PRO A 193 -7.09 23.61 -7.13
C PRO A 193 -7.81 22.95 -8.29
N VAL A 194 -9.00 22.44 -8.00
CA VAL A 194 -9.81 21.76 -9.01
C VAL A 194 -9.99 22.65 -10.23
N ASP A 195 -10.42 23.88 -10.00
CA ASP A 195 -10.65 24.86 -11.06
C ASP A 195 -9.37 25.50 -11.58
N ASP A 196 -8.24 25.27 -10.93
CA ASP A 196 -6.96 25.75 -11.43
C ASP A 196 -6.71 25.14 -12.81
N PRO A 197 -6.03 25.88 -13.71
CA PRO A 197 -5.88 25.39 -15.09
C PRO A 197 -5.40 23.95 -15.24
N ASP A 198 -4.35 23.55 -14.52
CA ASP A 198 -3.81 22.20 -14.64
C ASP A 198 -4.44 21.21 -13.67
N GLY A 199 -5.55 21.59 -13.02
CA GLY A 199 -6.21 20.71 -12.09
C GLY A 199 -7.04 19.64 -12.76
N TYR A 200 -7.61 18.77 -11.94
CA TYR A 200 -8.40 17.65 -12.45
C TYR A 200 -9.32 17.16 -11.35
N ARG A 201 -10.37 16.46 -11.79
CA ARG A 201 -11.27 15.75 -10.88
C ARG A 201 -11.70 14.48 -11.59
N LEU A 202 -11.26 13.34 -11.09
CA LEU A 202 -11.44 12.06 -11.75
C LEU A 202 -12.25 11.14 -10.85
N SER A 203 -13.00 10.25 -11.49
CA SER A 203 -13.61 9.11 -10.82
C SER A 203 -12.76 7.89 -11.17
N VAL A 204 -12.20 7.24 -10.16
CA VAL A 204 -11.22 6.18 -10.34
C VAL A 204 -11.90 4.86 -9.98
N ASP A 205 -11.89 3.92 -10.92
CA ASP A 205 -12.68 2.71 -10.78
C ASP A 205 -12.15 1.81 -9.68
N TYR A 206 -10.87 1.43 -9.76
CA TYR A 206 -10.21 0.60 -8.75
C TYR A 206 -9.10 1.43 -8.16
N ALA A 207 -9.04 1.50 -6.82
CA ALA A 207 -8.10 2.39 -6.16
C ALA A 207 -7.49 1.68 -4.96
N VAL A 208 -6.17 1.45 -5.02
CA VAL A 208 -5.41 0.80 -3.96
C VAL A 208 -4.54 1.89 -3.34
N ARG A 209 -4.89 2.34 -2.13
CA ARG A 209 -4.17 3.45 -1.49
C ARG A 209 -2.91 2.92 -0.82
N ILE A 210 -1.78 3.57 -1.06
CA ILE A 210 -0.51 3.14 -0.50
C ILE A 210 0.17 4.19 0.37
N THR A 211 -0.33 5.43 0.42
CA THR A 211 0.16 6.39 1.39
C THR A 211 -1.01 7.18 1.96
N SER A 212 -0.83 7.67 3.18
CA SER A 212 -1.86 8.48 3.81
C SER A 212 -2.10 9.78 3.06
N ARG A 213 -1.07 10.30 2.39
CA ARG A 213 -1.21 11.57 1.67
C ARG A 213 -1.94 11.45 0.34
N GLY A 214 -2.21 10.23 -0.15
CA GLY A 214 -3.07 10.08 -1.29
C GLY A 214 -2.44 9.46 -2.53
N LEU A 215 -1.40 8.66 -2.34
CA LEU A 215 -0.78 7.93 -3.44
C LEU A 215 -1.53 6.61 -3.64
N TYR A 216 -1.82 6.28 -4.90
CA TYR A 216 -2.59 5.09 -5.23
C TYR A 216 -1.96 4.31 -6.37
N VAL A 217 -2.21 3.00 -6.38
CA VAL A 217 -2.21 2.21 -7.61
C VAL A 217 -3.65 2.18 -8.08
N HIS A 218 -3.90 2.51 -9.35
CA HIS A 218 -5.29 2.63 -9.75
C HIS A 218 -5.44 2.47 -11.26
N SER A 219 -6.70 2.26 -11.66
CA SER A 219 -7.05 2.21 -13.07
C SER A 219 -7.04 3.61 -13.66
N ALA A 220 -6.44 3.75 -14.84
CA ALA A 220 -6.31 5.05 -15.50
C ALA A 220 -6.59 4.89 -17.00
N PRO A 221 -7.85 4.62 -17.37
CA PRO A 221 -8.16 4.36 -18.78
C PRO A 221 -7.85 5.52 -19.72
N TRP A 222 -7.94 6.77 -19.24
CA TRP A 222 -7.55 7.90 -20.07
C TRP A 222 -6.06 7.94 -20.34
N ALA A 223 -5.26 7.18 -19.58
CA ALA A 223 -3.81 7.23 -19.66
C ALA A 223 -3.22 6.03 -20.41
N LEU A 224 -4.04 5.30 -21.16
CA LEU A 224 -3.60 4.10 -21.86
C LEU A 224 -2.37 4.31 -22.75
N PRO A 225 -2.30 5.34 -23.61
CA PRO A 225 -1.16 5.42 -24.54
C PRO A 225 0.19 5.56 -23.87
N ALA A 226 0.24 5.96 -22.60
CA ALA A 226 1.51 6.15 -21.91
C ALA A 226 2.00 4.91 -21.19
N LEU A 227 1.12 3.94 -20.93
CA LEU A 227 1.50 2.79 -20.09
C LEU A 227 2.60 1.97 -20.74
N GLY A 228 3.63 1.67 -19.97
CA GLY A 228 4.79 0.97 -20.45
C GLY A 228 5.80 1.82 -21.18
N LEU A 229 5.56 3.12 -21.30
CA LEU A 229 6.37 3.99 -22.16
C LEU A 229 6.76 5.30 -21.50
N GLU A 230 5.81 5.94 -20.81
CA GLU A 230 6.02 7.29 -20.31
C GLU A 230 5.36 7.45 -18.94
N ASN A 231 5.98 8.26 -18.10
CA ASN A 231 5.48 8.56 -16.77
C ASN A 231 4.75 9.90 -16.81
N VAL A 232 3.42 9.86 -16.78
CA VAL A 232 2.59 11.04 -17.00
C VAL A 232 1.59 11.29 -15.89
N SER A 233 1.60 10.50 -14.83
CA SER A 233 0.67 10.71 -13.72
C SER A 233 1.15 11.88 -12.86
N HIS A 234 0.45 12.10 -11.74
CA HIS A 234 0.85 13.11 -10.76
C HIS A 234 1.46 12.49 -9.50
N GLY A 235 1.96 11.27 -9.61
CA GLY A 235 2.55 10.58 -8.48
C GLY A 235 2.06 9.14 -8.40
N CYS A 236 0.80 8.94 -8.74
CA CYS A 236 0.18 7.63 -8.63
C CYS A 236 0.74 6.66 -9.66
N ILE A 237 0.55 5.37 -9.39
CA ILE A 237 0.95 4.30 -10.28
C ILE A 237 -0.26 3.93 -11.13
N SER A 238 -0.20 4.26 -12.41
CA SER A 238 -1.35 4.14 -13.30
C SER A 238 -1.30 2.79 -14.02
N LEU A 239 -2.44 2.10 -14.06
CA LEU A 239 -2.58 0.84 -14.78
C LEU A 239 -3.79 0.90 -15.69
N SER A 240 -3.87 -0.05 -16.62
CA SER A 240 -5.09 -0.23 -17.38
C SER A 240 -6.21 -0.71 -16.45
N ARG A 241 -7.46 -0.56 -16.89
CA ARG A 241 -8.57 -1.01 -16.06
C ARG A 241 -8.47 -2.51 -15.77
N GLU A 242 -8.10 -3.30 -16.78
CA GLU A 242 -8.05 -4.75 -16.61
C GLU A 242 -6.92 -5.16 -15.69
N ASP A 243 -5.74 -4.54 -15.82
CA ASP A 243 -4.63 -4.86 -14.92
C ASP A 243 -4.93 -4.38 -13.50
N ALA A 244 -5.52 -3.18 -13.37
CA ALA A 244 -5.90 -2.68 -12.05
C ALA A 244 -6.93 -3.57 -11.37
N GLU A 245 -7.93 -4.04 -12.13
CA GLU A 245 -8.96 -4.89 -11.55
C GLU A 245 -8.37 -6.17 -10.99
N TRP A 246 -7.48 -6.81 -11.74
CA TRP A 246 -6.86 -8.05 -11.32
C TRP A 246 -5.99 -7.84 -10.08
N TYR A 247 -5.16 -6.81 -10.09
CA TYR A 247 -4.33 -6.52 -8.92
C TYR A 247 -5.18 -6.18 -7.71
N TYR A 248 -6.18 -5.32 -7.88
CA TYR A 248 -7.10 -4.95 -6.80
C TYR A 248 -7.73 -6.20 -6.19
N ASN A 249 -8.22 -7.10 -7.04
CA ASN A 249 -8.89 -8.29 -6.53
C ASN A 249 -7.92 -9.25 -5.85
N ALA A 250 -6.62 -9.20 -6.21
CA ALA A 250 -5.65 -10.11 -5.62
C ALA A 250 -5.08 -9.59 -4.31
N VAL A 251 -4.94 -8.27 -4.15
CA VAL A 251 -4.14 -7.70 -3.07
C VAL A 251 -5.01 -7.53 -1.83
N ASP A 252 -4.34 -7.50 -0.68
CA ASP A 252 -5.02 -7.27 0.59
C ASP A 252 -4.41 -6.09 1.30
N ILE A 253 -5.19 -5.49 2.22
CA ILE A 253 -4.64 -4.42 3.04
C ILE A 253 -3.49 -4.98 3.87
N GLY A 254 -2.35 -4.30 3.81
CA GLY A 254 -1.14 -4.77 4.46
C GLY A 254 -0.13 -5.37 3.51
N ASP A 255 -0.51 -5.67 2.27
CA ASP A 255 0.47 -6.20 1.34
C ASP A 255 1.45 -5.11 0.89
N PRO A 256 2.67 -5.48 0.54
CA PRO A 256 3.69 -4.49 0.22
C PRO A 256 3.67 -4.04 -1.23
N VAL A 257 4.00 -2.77 -1.42
CA VAL A 257 4.21 -2.17 -2.73
C VAL A 257 5.55 -1.47 -2.69
N ILE A 258 6.44 -1.83 -3.61
CA ILE A 258 7.77 -1.26 -3.69
C ILE A 258 7.86 -0.38 -4.93
N VAL A 259 8.37 0.83 -4.76
CA VAL A 259 8.65 1.74 -5.86
C VAL A 259 10.15 1.89 -5.96
N GLN A 260 10.70 1.63 -7.14
CA GLN A 260 12.14 1.74 -7.34
C GLN A 260 12.43 2.42 -8.67
N GLU A 261 13.65 2.95 -8.77
CA GLU A 261 14.12 3.55 -10.01
C GLU A 261 14.38 2.47 -11.05
CA CA B . -7.61 -8.35 4.94
#